data_6YYU
#
_entry.id   6YYU
#
_cell.length_a   48.791
_cell.length_b   70.003
_cell.length_c   170.870
_cell.angle_alpha   90.000
_cell.angle_beta   90.000
_cell.angle_gamma   90.000
#
_symmetry.space_group_name_H-M   'P 21 21 21'
#
loop_
_entity.id
_entity.type
_entity.pdbx_description
1 polymer 'Aspartyl/asparaginyl beta-hydroxylase'
2 non-polymer 'MANGANESE (II) ION'
3 non-polymer '2-OXOGLUTARIC ACID'
4 water water
#
_entity_poly.entity_id   1
_entity_poly.type   'polypeptide(L)'
_entity_poly.pdbx_seq_one_letter_code
;KPKLLNKFDKTIKAELDAAEKLRKRGKIEEAVNAFKELVRKYPQSPRARYGKAQCEDDLAEKRRSNEVLRGAIETYQEVA
SLPDVPADLLKLSLKRRSDRQQFLGHMRGSLLTLQRLVQLFPNDTSLKNDLGVGYLLIGDNDNAKKVYEEVLSVTPNDGF
AKVHYGFILKAQNKIAESIPYLKEGIESGDPGTDDGRFYFHLGDAMQRVGNKEAYKWYELGHKRGHFASVWQRSLYNVNG
LKAQPWWTPKETGYTELVKSLERNWKLIRDEGLAVMDKAKGLFLPEDENLREKGDWSQFTLWQQGRRNENACKGAPKTCT
LLEKFPETTGCRRGQIKYSIMHPGTHVWPHTGPTNCRLRMHLGLVIPKEGCKIRCANETKTWEEGKVLIFDDSFEHEVWQ
DASSFRLIFIVDVWHPELTPQQRRSLPAI
;
_entity_poly.pdbx_strand_id   A
#
# COMPACT_ATOMS: atom_id res chain seq x y z
N PRO A 2 5.12 -10.65 -33.23
CA PRO A 2 3.68 -10.34 -33.22
C PRO A 2 3.05 -10.29 -34.59
N LYS A 3 1.94 -11.02 -34.78
CA LYS A 3 1.12 -10.96 -35.99
C LYS A 3 0.30 -9.68 -35.98
N LEU A 4 0.89 -8.59 -36.46
CA LEU A 4 0.37 -7.25 -36.26
C LEU A 4 0.19 -6.48 -37.56
N LEU A 5 0.51 -7.09 -38.72
CA LEU A 5 0.21 -6.51 -40.03
C LEU A 5 -0.83 -7.38 -40.74
N ASN A 6 -2.08 -6.87 -40.82
CA ASN A 6 -3.17 -7.57 -41.51
C ASN A 6 -3.15 -7.25 -42.98
N LYS A 7 -3.72 -8.16 -43.77
CA LYS A 7 -3.84 -7.97 -45.20
C LYS A 7 -4.33 -6.57 -45.53
N PHE A 8 -5.49 -6.23 -44.96
CA PHE A 8 -6.03 -4.87 -45.06
C PHE A 8 -4.94 -3.83 -44.86
N ASP A 9 -4.22 -3.94 -43.73
CA ASP A 9 -3.14 -3.01 -43.40
C ASP A 9 -1.82 -3.39 -44.07
N LYS A 10 -1.65 -4.66 -44.47
CA LYS A 10 -0.33 -5.16 -44.85
C LYS A 10 0.42 -4.21 -45.78
N THR A 11 -0.25 -3.69 -46.80
CA THR A 11 0.44 -3.07 -47.94
C THR A 11 0.76 -1.60 -47.75
N ILE A 12 1.21 -1.18 -46.56
CA ILE A 12 1.65 0.20 -46.36
C ILE A 12 2.92 0.24 -45.49
N LYS A 13 3.56 -0.90 -45.35
CA LYS A 13 4.61 -1.05 -44.34
C LYS A 13 5.68 0.02 -44.43
N ALA A 14 6.03 0.45 -45.66
CA ALA A 14 7.01 1.52 -45.78
C ALA A 14 6.49 2.79 -45.09
N GLU A 15 5.23 3.16 -45.35
CA GLU A 15 4.64 4.32 -44.68
C GLU A 15 4.42 4.04 -43.20
N LEU A 16 3.85 2.88 -42.86
CA LEU A 16 3.62 2.53 -41.47
C LEU A 16 4.92 2.56 -40.68
N ASP A 17 5.98 1.94 -41.22
CA ASP A 17 7.22 1.82 -40.47
C ASP A 17 7.77 3.19 -40.13
N ALA A 18 7.56 4.17 -41.02
CA ALA A 18 8.10 5.50 -40.82
C ALA A 18 7.48 6.16 -39.59
N ALA A 19 6.16 6.13 -39.49
CA ALA A 19 5.52 6.63 -38.28
C ALA A 19 6.15 6.03 -37.03
N GLU A 20 6.48 4.73 -37.08
CA GLU A 20 7.13 4.10 -35.93
C GLU A 20 8.50 4.72 -35.62
N LYS A 21 9.19 5.25 -36.63
CA LYS A 21 10.51 5.83 -36.41
C LYS A 21 10.42 7.18 -35.72
N LEU A 22 9.54 8.06 -36.18
CA LEU A 22 9.38 9.37 -35.52
C LEU A 22 8.93 9.21 -34.07
N ARG A 23 8.15 8.18 -33.75
CA ARG A 23 7.87 7.85 -32.35
C ARG A 23 9.13 7.32 -31.67
N LYS A 24 9.72 6.25 -32.21
CA LYS A 24 10.89 5.65 -31.58
C LYS A 24 12.05 6.64 -31.43
N ARG A 25 12.08 7.74 -32.21
CA ARG A 25 13.10 8.80 -32.08
C ARG A 25 12.73 9.86 -31.02
N GLY A 26 11.56 9.76 -30.39
CA GLY A 26 11.10 10.78 -29.47
C GLY A 26 10.45 11.99 -30.13
N LYS A 27 10.11 11.90 -31.41
CA LYS A 27 9.34 12.93 -32.10
C LYS A 27 7.86 12.55 -32.22
N ILE A 28 7.26 12.16 -31.09
CA ILE A 28 5.88 11.68 -31.10
C ILE A 28 4.94 12.71 -31.72
N GLU A 29 5.26 14.01 -31.56
CA GLU A 29 4.44 15.05 -32.16
C GLU A 29 4.40 14.91 -33.67
N GLU A 30 5.57 14.78 -34.31
CA GLU A 30 5.60 14.37 -35.71
C GLU A 30 4.86 13.05 -35.89
N ALA A 31 5.15 12.07 -35.01
CA ALA A 31 4.60 10.72 -35.16
C ALA A 31 3.08 10.70 -34.95
N VAL A 32 2.57 11.28 -33.86
CA VAL A 32 1.12 11.36 -33.68
C VAL A 32 0.49 11.91 -34.94
N ASN A 33 0.91 13.10 -35.36
CA ASN A 33 0.32 13.72 -36.54
C ASN A 33 0.47 12.88 -37.78
N ALA A 34 1.54 12.10 -37.84
CA ALA A 34 1.72 11.20 -38.97
C ALA A 34 0.54 10.25 -39.10
N PHE A 35 0.40 9.35 -38.12
CA PHE A 35 -0.62 8.32 -38.19
C PHE A 35 -1.99 8.93 -38.48
N LYS A 36 -2.27 10.09 -37.89
CA LYS A 36 -3.59 10.70 -38.05
C LYS A 36 -3.95 10.86 -39.51
N GLU A 37 -3.09 11.52 -40.28
CA GLU A 37 -3.30 11.57 -41.71
C GLU A 37 -3.62 10.18 -42.25
N LEU A 38 -2.77 9.19 -41.91
CA LEU A 38 -2.98 7.84 -42.41
C LEU A 38 -4.37 7.32 -42.03
N VAL A 39 -4.87 7.69 -40.86
CA VAL A 39 -6.26 7.39 -40.56
C VAL A 39 -7.16 8.01 -41.61
N ARG A 40 -7.03 9.33 -41.79
CA ARG A 40 -7.65 9.98 -42.93
C ARG A 40 -7.39 9.18 -44.20
N LYS A 41 -6.11 9.05 -44.57
CA LYS A 41 -5.76 8.41 -45.85
C LYS A 41 -6.18 6.95 -45.88
N TYR A 42 -5.75 6.16 -44.88
CA TYR A 42 -6.09 4.74 -44.78
C TYR A 42 -6.99 4.54 -43.57
N PRO A 43 -8.29 4.83 -43.68
CA PRO A 43 -9.14 4.83 -42.49
C PRO A 43 -9.32 3.45 -41.85
N GLN A 44 -9.37 2.39 -42.63
CA GLN A 44 -9.70 1.12 -42.01
C GLN A 44 -8.49 0.37 -41.48
N SER A 45 -7.28 0.88 -41.68
CA SER A 45 -6.11 0.11 -41.29
C SER A 45 -6.19 -0.11 -39.79
N PRO A 46 -6.11 -1.35 -39.29
CA PRO A 46 -6.01 -1.49 -37.83
C PRO A 46 -4.67 -1.04 -37.28
N ARG A 47 -3.58 -1.36 -38.00
CA ARG A 47 -2.27 -0.92 -37.55
C ARG A 47 -2.10 0.58 -37.65
N ALA A 48 -2.80 1.23 -38.59
CA ALA A 48 -2.81 2.69 -38.63
C ALA A 48 -3.51 3.27 -37.41
N ARG A 49 -4.52 2.59 -36.88
CA ARG A 49 -5.23 3.07 -35.70
C ARG A 49 -4.55 2.66 -34.38
N TYR A 50 -3.91 1.49 -34.33
CA TYR A 50 -3.15 1.16 -33.14
C TYR A 50 -2.08 2.20 -32.89
N GLY A 51 -1.23 2.43 -33.90
CA GLY A 51 -0.14 3.37 -33.73
C GLY A 51 -0.63 4.71 -33.22
N LYS A 52 -1.66 5.26 -33.86
CA LYS A 52 -2.28 6.48 -33.33
C LYS A 52 -2.38 6.36 -31.81
N ALA A 53 -3.17 5.37 -31.35
CA ALA A 53 -3.34 5.19 -29.93
C ALA A 53 -1.99 5.12 -29.22
N GLN A 54 -1.02 4.44 -29.81
CA GLN A 54 0.25 4.28 -29.10
C GLN A 54 0.99 5.62 -29.04
N CYS A 55 0.85 6.44 -30.08
CA CYS A 55 1.46 7.77 -30.11
C CYS A 55 0.93 8.62 -28.98
N GLU A 56 -0.40 8.80 -28.97
CA GLU A 56 -1.03 9.56 -27.92
C GLU A 56 -0.91 8.88 -26.55
N ASP A 57 -0.68 7.57 -26.50
CA ASP A 57 -0.42 6.94 -25.23
C ASP A 57 0.87 7.47 -24.63
N ASP A 58 1.91 7.48 -25.45
CA ASP A 58 3.16 8.07 -25.01
C ASP A 58 3.05 9.58 -24.97
N LEU A 59 2.38 10.19 -25.96
CA LEU A 59 2.12 11.62 -25.87
C LEU A 59 1.53 11.97 -24.50
N ALA A 60 0.73 11.07 -23.93
CA ALA A 60 0.20 11.29 -22.60
C ALA A 60 1.27 11.09 -21.53
N GLU A 61 2.16 10.11 -21.72
CA GLU A 61 3.26 9.94 -20.77
C GLU A 61 4.10 11.21 -20.67
N LYS A 62 4.49 11.78 -21.82
CA LYS A 62 5.31 12.99 -21.83
C LYS A 62 4.56 14.18 -21.23
N ARG A 63 3.40 14.54 -21.77
CA ARG A 63 2.65 15.65 -21.20
C ARG A 63 2.12 15.32 -19.80
N ARG A 64 2.16 14.07 -19.38
CA ARG A 64 1.61 13.65 -18.09
C ARG A 64 0.16 14.08 -17.96
N SER A 65 -0.61 13.84 -19.02
CA SER A 65 -1.98 14.32 -19.12
C SER A 65 -2.98 13.18 -19.13
N ASN A 66 -3.82 13.14 -18.10
CA ASN A 66 -4.95 12.23 -18.11
C ASN A 66 -5.89 12.45 -19.29
N GLU A 67 -6.29 13.69 -19.53
CA GLU A 67 -7.23 13.93 -20.62
C GLU A 67 -6.75 13.33 -21.93
N VAL A 68 -5.51 13.61 -22.29
CA VAL A 68 -4.92 13.05 -23.51
C VAL A 68 -5.03 11.55 -23.51
N LEU A 69 -4.56 10.95 -22.41
CA LEU A 69 -4.58 9.51 -22.23
C LEU A 69 -5.98 8.94 -22.43
N ARG A 70 -7.01 9.61 -21.88
CA ARG A 70 -8.37 9.19 -22.21
C ARG A 70 -8.52 9.07 -23.72
N GLY A 71 -8.06 10.07 -24.48
CA GLY A 71 -8.11 9.95 -25.93
C GLY A 71 -7.56 8.62 -26.39
N ALA A 72 -6.40 8.26 -25.88
CA ALA A 72 -5.74 7.05 -26.35
C ALA A 72 -6.57 5.83 -26.01
N ILE A 73 -7.24 5.87 -24.86
CA ILE A 73 -8.04 4.72 -24.42
C ILE A 73 -9.15 4.46 -25.43
N GLU A 74 -9.83 5.53 -25.86
CA GLU A 74 -10.86 5.33 -26.86
C GLU A 74 -10.23 4.79 -28.13
N THR A 75 -9.03 5.22 -28.42
CA THR A 75 -8.48 4.86 -29.72
C THR A 75 -8.03 3.40 -29.73
N TYR A 76 -7.49 2.92 -28.61
CA TYR A 76 -7.16 1.49 -28.50
C TYR A 76 -8.41 0.66 -28.76
N GLN A 77 -9.53 1.13 -28.26
CA GLN A 77 -10.82 0.47 -28.48
C GLN A 77 -11.16 0.47 -29.96
N GLU A 78 -11.04 1.63 -30.61
CA GLU A 78 -11.37 1.75 -32.02
C GLU A 78 -10.67 0.68 -32.83
N VAL A 79 -9.43 0.35 -32.49
CA VAL A 79 -8.78 -0.76 -33.16
C VAL A 79 -9.67 -1.98 -33.21
N ALA A 80 -10.36 -2.26 -32.10
CA ALA A 80 -11.13 -3.49 -32.03
C ALA A 80 -12.36 -3.46 -32.92
N SER A 81 -12.87 -2.28 -33.27
CA SER A 81 -14.04 -2.22 -34.14
C SER A 81 -13.68 -2.51 -35.59
N LEU A 82 -12.63 -1.83 -36.12
CA LEU A 82 -12.11 -2.09 -37.45
C LEU A 82 -12.29 -3.56 -37.79
N PRO A 83 -12.65 -3.91 -39.02
CA PRO A 83 -12.82 -5.31 -39.38
C PRO A 83 -11.51 -5.91 -39.89
N ASP A 84 -11.45 -7.24 -39.88
CA ASP A 84 -10.29 -7.96 -40.42
C ASP A 84 -9.02 -7.49 -39.73
N VAL A 85 -9.04 -7.66 -38.41
CA VAL A 85 -7.93 -7.28 -37.52
C VAL A 85 -7.14 -8.50 -37.11
N PRO A 86 -5.82 -8.41 -36.99
CA PRO A 86 -5.05 -9.52 -36.42
C PRO A 86 -5.41 -9.83 -34.96
N ALA A 87 -5.48 -11.11 -34.62
CA ALA A 87 -5.73 -11.48 -33.23
C ALA A 87 -4.63 -10.94 -32.32
N ASP A 88 -3.37 -11.16 -32.69
CA ASP A 88 -2.27 -10.60 -31.92
C ASP A 88 -2.43 -9.11 -31.71
N LEU A 89 -2.82 -8.36 -32.77
CA LEU A 89 -2.96 -6.91 -32.61
C LEU A 89 -4.11 -6.56 -31.70
N LEU A 90 -5.25 -7.23 -31.87
CA LEU A 90 -6.39 -6.92 -31.03
C LEU A 90 -6.03 -7.09 -29.56
N LYS A 91 -5.61 -8.29 -29.19
CA LYS A 91 -5.15 -8.52 -27.84
C LYS A 91 -4.31 -7.35 -27.36
N LEU A 92 -3.30 -6.96 -28.16
CA LEU A 92 -2.38 -5.92 -27.71
C LEU A 92 -3.14 -4.68 -27.31
N SER A 93 -4.04 -4.20 -28.18
CA SER A 93 -4.66 -2.90 -27.96
C SER A 93 -5.56 -2.93 -26.73
N LEU A 94 -6.30 -4.04 -26.52
CA LEU A 94 -7.30 -4.06 -25.44
C LEU A 94 -6.63 -4.28 -24.10
N LYS A 95 -5.63 -5.16 -24.06
CA LYS A 95 -4.79 -5.32 -22.88
C LYS A 95 -4.25 -3.96 -22.39
N ARG A 96 -3.70 -3.19 -23.32
CA ARG A 96 -3.18 -1.87 -22.96
C ARG A 96 -4.32 -0.96 -22.55
N ARG A 97 -5.47 -1.09 -23.22
CA ARG A 97 -6.59 -0.25 -22.81
C ARG A 97 -6.95 -0.56 -21.36
N SER A 98 -7.14 -1.85 -21.07
CA SER A 98 -7.46 -2.29 -19.73
C SER A 98 -6.46 -1.71 -18.74
N ASP A 99 -5.18 -1.73 -19.08
CA ASP A 99 -4.20 -1.26 -18.12
C ASP A 99 -4.26 0.25 -17.96
N ARG A 100 -4.37 0.99 -19.07
CA ARG A 100 -4.44 2.45 -18.99
C ARG A 100 -5.73 2.87 -18.29
N GLN A 101 -6.79 2.09 -18.48
CA GLN A 101 -7.99 2.35 -17.70
C GLN A 101 -7.72 2.12 -16.21
N GLN A 102 -7.07 1.00 -15.87
CA GLN A 102 -6.73 0.76 -14.47
C GLN A 102 -5.87 1.88 -13.94
N PHE A 103 -4.92 2.34 -14.74
CA PHE A 103 -4.08 3.45 -14.31
C PHE A 103 -4.89 4.64 -13.82
N LEU A 104 -5.92 5.04 -14.59
CA LEU A 104 -6.71 6.22 -14.28
C LEU A 104 -7.79 5.90 -13.26
N GLY A 105 -7.86 4.65 -12.83
CA GLY A 105 -8.84 4.22 -11.86
C GLY A 105 -10.23 3.92 -12.39
N HIS A 106 -10.35 3.61 -13.69
CA HIS A 106 -11.62 3.17 -14.27
C HIS A 106 -11.71 1.65 -14.10
N MET A 107 -11.76 1.29 -12.82
CA MET A 107 -11.60 -0.11 -12.49
C MET A 107 -12.71 -0.92 -13.12
N ARG A 108 -13.94 -0.44 -13.07
CA ARG A 108 -15.00 -1.28 -13.64
C ARG A 108 -14.95 -1.19 -15.16
N GLY A 109 -14.51 -0.05 -15.65
CA GLY A 109 -14.29 0.03 -17.07
C GLY A 109 -13.21 -0.93 -17.49
N SER A 110 -12.15 -1.01 -16.71
CA SER A 110 -11.10 -1.97 -17.03
C SER A 110 -11.60 -3.41 -16.92
N LEU A 111 -12.36 -3.69 -15.88
CA LEU A 111 -12.97 -4.99 -15.77
C LEU A 111 -13.85 -5.29 -16.98
N LEU A 112 -14.61 -4.31 -17.45
CA LEU A 112 -15.41 -4.60 -18.63
C LEU A 112 -14.56 -5.02 -19.82
N THR A 113 -13.41 -4.34 -20.05
CA THR A 113 -12.49 -4.71 -21.14
C THR A 113 -11.91 -6.11 -20.94
N LEU A 114 -11.56 -6.45 -19.70
CA LEU A 114 -10.99 -7.77 -19.44
C LEU A 114 -12.03 -8.83 -19.72
N GLN A 115 -13.29 -8.53 -19.39
CA GLN A 115 -14.39 -9.44 -19.71
C GLN A 115 -14.46 -9.68 -21.21
N ARG A 116 -14.34 -8.64 -22.01
CA ARG A 116 -14.27 -8.84 -23.44
C ARG A 116 -13.10 -9.74 -23.81
N LEU A 117 -11.92 -9.39 -23.32
CA LEU A 117 -10.73 -10.09 -23.74
C LEU A 117 -10.86 -11.57 -23.45
N VAL A 118 -11.57 -11.94 -22.40
CA VAL A 118 -11.71 -13.38 -22.15
C VAL A 118 -12.77 -13.99 -23.06
N GLN A 119 -13.84 -13.27 -23.39
CA GLN A 119 -14.76 -13.83 -24.37
C GLN A 119 -14.03 -14.10 -25.68
N LEU A 120 -13.09 -13.23 -26.05
CA LEU A 120 -12.42 -13.32 -27.33
C LEU A 120 -11.21 -14.26 -27.37
N PHE A 121 -10.71 -14.72 -26.23
CA PHE A 121 -9.57 -15.62 -26.21
C PHE A 121 -9.80 -16.63 -25.10
N PRO A 122 -10.75 -17.55 -25.27
CA PRO A 122 -11.16 -18.39 -24.12
C PRO A 122 -10.10 -19.38 -23.66
N ASN A 123 -8.98 -19.44 -24.36
CA ASN A 123 -7.93 -20.38 -24.01
C ASN A 123 -6.66 -19.64 -23.67
N ASP A 124 -6.78 -18.37 -23.37
CA ASP A 124 -5.66 -17.59 -22.88
C ASP A 124 -5.89 -17.48 -21.38
N THR A 125 -5.14 -18.29 -20.60
CA THR A 125 -5.28 -18.31 -19.14
C THR A 125 -4.61 -17.10 -18.52
N SER A 126 -3.60 -16.55 -19.21
CA SER A 126 -3.01 -15.29 -18.80
C SER A 126 -4.05 -14.17 -18.72
N LEU A 127 -4.98 -14.13 -19.67
CA LEU A 127 -6.02 -13.11 -19.61
C LEU A 127 -7.02 -13.45 -18.53
N LYS A 128 -7.30 -14.74 -18.30
CA LYS A 128 -8.16 -15.04 -17.16
C LYS A 128 -7.50 -14.53 -15.89
N ASN A 129 -6.21 -14.81 -15.73
CA ASN A 129 -5.52 -14.23 -14.58
C ASN A 129 -5.87 -12.75 -14.42
N ASP A 130 -5.65 -11.98 -15.50
CA ASP A 130 -5.80 -10.54 -15.43
C ASP A 130 -7.24 -10.18 -15.12
N LEU A 131 -8.18 -10.96 -15.62
CA LEU A 131 -9.58 -10.73 -15.30
C LEU A 131 -9.78 -10.85 -13.81
N GLY A 132 -9.18 -11.86 -13.21
CA GLY A 132 -9.29 -12.02 -11.77
C GLY A 132 -8.86 -10.75 -11.08
N VAL A 133 -7.83 -10.09 -11.61
CA VAL A 133 -7.40 -8.84 -11.02
C VAL A 133 -8.44 -7.76 -11.27
N GLY A 134 -8.97 -7.67 -12.46
CA GLY A 134 -10.11 -6.81 -12.62
C GLY A 134 -11.10 -6.96 -11.48
N TYR A 135 -11.48 -8.19 -11.16
CA TYR A 135 -12.48 -8.38 -10.10
C TYR A 135 -11.95 -7.91 -8.75
N LEU A 136 -10.78 -8.36 -8.35
CA LEU A 136 -10.25 -7.83 -7.10
C LEU A 136 -10.28 -6.31 -7.07
N LEU A 137 -9.86 -5.65 -8.15
CA LEU A 137 -9.76 -4.19 -8.12
C LEU A 137 -11.11 -3.52 -7.87
N ILE A 138 -12.23 -4.18 -8.13
CA ILE A 138 -13.51 -3.58 -7.79
C ILE A 138 -14.12 -4.16 -6.51
N GLY A 139 -13.40 -5.03 -5.77
CA GLY A 139 -14.01 -5.60 -4.56
C GLY A 139 -14.81 -6.88 -4.70
N ASP A 140 -14.90 -7.45 -5.87
CA ASP A 140 -15.67 -8.65 -6.09
C ASP A 140 -14.74 -9.87 -5.97
N ASN A 141 -14.36 -10.13 -4.71
CA ASN A 141 -13.55 -11.30 -4.40
C ASN A 141 -14.26 -12.58 -4.72
N ASP A 142 -15.59 -12.59 -4.72
CA ASP A 142 -16.27 -13.85 -5.03
C ASP A 142 -16.07 -14.21 -6.49
N ASN A 143 -16.12 -13.23 -7.40
CA ASN A 143 -15.92 -13.57 -8.81
C ASN A 143 -14.45 -13.78 -9.08
N ALA A 144 -13.59 -12.99 -8.42
CA ALA A 144 -12.17 -13.26 -8.53
C ALA A 144 -11.87 -14.68 -8.07
N LYS A 145 -12.41 -15.10 -6.93
CA LYS A 145 -12.21 -16.51 -6.55
C LYS A 145 -12.72 -17.43 -7.64
N LYS A 146 -13.87 -17.12 -8.23
CA LYS A 146 -14.38 -18.03 -9.25
C LYS A 146 -13.40 -18.10 -10.43
N VAL A 147 -12.72 -17.00 -10.74
CA VAL A 147 -11.80 -17.01 -11.89
C VAL A 147 -10.56 -17.90 -11.60
N TYR A 148 -9.94 -17.73 -10.44
CA TYR A 148 -8.69 -18.47 -10.20
C TYR A 148 -8.97 -19.95 -10.06
N GLU A 149 -10.17 -20.31 -9.57
CA GLU A 149 -10.52 -21.72 -9.55
C GLU A 149 -10.60 -22.28 -10.96
N GLU A 150 -11.17 -21.53 -11.92
CA GLU A 150 -11.18 -22.04 -13.31
C GLU A 150 -9.77 -22.21 -13.82
N VAL A 151 -8.92 -21.19 -13.65
CA VAL A 151 -7.52 -21.30 -14.03
C VAL A 151 -6.88 -22.52 -13.37
N LEU A 152 -6.90 -22.53 -12.05
CA LEU A 152 -6.21 -23.63 -11.41
C LEU A 152 -6.77 -24.99 -11.76
N SER A 153 -8.05 -25.10 -12.18
CA SER A 153 -8.61 -26.42 -12.53
C SER A 153 -8.03 -26.91 -13.85
N VAL A 154 -7.74 -25.98 -14.76
CA VAL A 154 -7.11 -26.31 -16.02
C VAL A 154 -5.58 -26.24 -15.93
N THR A 155 -5.08 -25.37 -15.04
CA THR A 155 -3.66 -25.06 -14.87
C THR A 155 -3.33 -25.29 -13.40
N PRO A 156 -3.23 -26.53 -12.98
CA PRO A 156 -3.02 -26.78 -11.55
C PRO A 156 -1.88 -25.99 -10.93
N ASN A 157 -0.85 -25.64 -11.69
CA ASN A 157 0.37 -25.12 -11.05
C ASN A 157 0.69 -23.67 -11.42
N ASP A 158 -0.28 -22.92 -11.96
CA ASP A 158 -0.02 -21.54 -12.34
C ASP A 158 0.19 -20.76 -11.05
N GLY A 159 1.38 -20.24 -10.82
CA GLY A 159 1.65 -19.61 -9.53
C GLY A 159 1.01 -18.25 -9.42
N PHE A 160 0.87 -17.57 -10.56
CA PHE A 160 0.12 -16.32 -10.45
C PHE A 160 -1.23 -16.61 -9.86
N ALA A 161 -1.95 -17.59 -10.41
CA ALA A 161 -3.27 -17.91 -9.88
C ALA A 161 -3.21 -18.33 -8.41
N LYS A 162 -2.18 -19.12 -8.04
CA LYS A 162 -2.04 -19.61 -6.68
C LYS A 162 -1.90 -18.48 -5.68
N VAL A 163 -1.02 -17.48 -5.95
CA VAL A 163 -0.76 -16.43 -4.93
C VAL A 163 -1.98 -15.55 -4.79
N HIS A 164 -2.69 -15.33 -5.89
CA HIS A 164 -3.94 -14.59 -5.79
C HIS A 164 -5.01 -15.43 -5.10
N TYR A 165 -5.10 -16.70 -5.46
CA TYR A 165 -6.03 -17.55 -4.73
C TYR A 165 -5.75 -17.50 -3.24
N GLY A 166 -4.48 -17.54 -2.82
CA GLY A 166 -4.20 -17.52 -1.38
C GLY A 166 -4.53 -16.19 -0.73
N PHE A 167 -4.18 -15.09 -1.39
CA PHE A 167 -4.67 -13.79 -1.00
C PHE A 167 -6.14 -13.87 -0.69
N ILE A 168 -6.93 -14.35 -1.65
CA ILE A 168 -8.38 -14.29 -1.48
C ILE A 168 -8.80 -15.12 -0.26
N LEU A 169 -8.32 -16.34 -0.16
CA LEU A 169 -8.64 -17.14 1.02
C LEU A 169 -8.30 -16.36 2.28
N LYS A 170 -7.08 -15.82 2.33
CA LYS A 170 -6.68 -15.11 3.53
C LYS A 170 -7.67 -14.02 3.81
N ALA A 171 -8.21 -13.41 2.75
CA ALA A 171 -9.09 -12.27 2.97
C ALA A 171 -10.47 -12.70 3.45
N GLN A 172 -10.86 -13.92 3.17
CA GLN A 172 -12.10 -14.49 3.67
C GLN A 172 -11.91 -15.14 5.04
N ASN A 173 -10.82 -14.85 5.72
CA ASN A 173 -10.54 -15.37 7.06
C ASN A 173 -10.12 -16.84 7.07
N LYS A 174 -9.75 -17.38 5.90
CA LYS A 174 -9.22 -18.74 5.82
C LYS A 174 -7.69 -18.68 5.86
N ILE A 175 -7.16 -18.09 6.94
CA ILE A 175 -5.74 -17.78 6.98
C ILE A 175 -4.90 -19.04 6.66
N ALA A 176 -5.23 -20.15 7.32
CA ALA A 176 -4.37 -21.32 7.23
C ALA A 176 -4.47 -21.95 5.86
N GLU A 177 -5.66 -21.93 5.29
CA GLU A 177 -5.78 -22.49 3.96
C GLU A 177 -4.97 -21.67 2.97
N SER A 178 -4.85 -20.36 3.21
CA SER A 178 -4.20 -19.47 2.26
C SER A 178 -2.69 -19.66 2.18
N ILE A 179 -2.04 -20.12 3.24
CA ILE A 179 -0.58 -20.16 3.32
C ILE A 179 0.10 -21.07 2.30
N PRO A 180 -0.37 -22.29 2.07
CA PRO A 180 0.28 -23.09 1.03
C PRO A 180 0.09 -22.54 -0.36
N TYR A 181 -1.02 -21.87 -0.63
CA TYR A 181 -1.16 -21.23 -1.93
C TYR A 181 -0.12 -20.13 -2.10
N LEU A 182 -0.01 -19.24 -1.12
CA LEU A 182 0.99 -18.19 -1.18
C LEU A 182 2.37 -18.79 -1.27
N LYS A 183 2.65 -19.85 -0.50
CA LYS A 183 4.01 -20.37 -0.59
C LYS A 183 4.29 -20.93 -1.98
N GLU A 184 3.39 -21.80 -2.47
CA GLU A 184 3.65 -22.47 -3.73
C GLU A 184 3.71 -21.48 -4.88
N GLY A 185 2.89 -20.44 -4.84
CA GLY A 185 2.86 -19.51 -5.96
C GLY A 185 4.12 -18.68 -6.02
N ILE A 186 4.60 -18.28 -4.85
CA ILE A 186 5.86 -17.59 -4.79
C ILE A 186 6.96 -18.51 -5.25
N GLU A 187 6.92 -19.77 -4.84
CA GLU A 187 8.11 -20.58 -5.08
C GLU A 187 8.25 -20.87 -6.55
N SER A 188 7.11 -20.90 -7.25
CA SER A 188 7.11 -21.16 -8.67
C SER A 188 7.93 -20.15 -9.45
N GLY A 189 8.17 -18.95 -8.90
CA GLY A 189 8.84 -17.88 -9.63
C GLY A 189 8.07 -17.43 -10.86
N ASP A 190 6.82 -17.88 -10.99
CA ASP A 190 6.02 -17.45 -12.11
C ASP A 190 5.98 -15.92 -12.17
N PRO A 191 5.89 -15.36 -13.36
CA PRO A 191 5.84 -13.91 -13.50
C PRO A 191 4.65 -13.34 -12.78
N GLY A 192 4.88 -12.23 -12.07
CA GLY A 192 3.87 -11.67 -11.25
C GLY A 192 3.91 -12.12 -9.81
N THR A 193 4.56 -13.24 -9.52
CA THR A 193 4.57 -13.68 -8.14
C THR A 193 5.68 -13.03 -7.31
N ASP A 194 6.59 -12.29 -7.95
CA ASP A 194 7.71 -11.72 -7.21
C ASP A 194 7.31 -10.30 -6.79
N ASP A 195 6.36 -10.28 -5.89
CA ASP A 195 5.64 -9.07 -5.56
C ASP A 195 5.72 -8.88 -4.06
N GLY A 196 5.98 -7.66 -3.65
CA GLY A 196 6.12 -7.43 -2.24
C GLY A 196 4.86 -7.74 -1.48
N ARG A 197 3.69 -7.63 -2.15
CA ARG A 197 2.42 -7.77 -1.42
C ARG A 197 2.27 -9.19 -0.88
N PHE A 198 2.80 -10.22 -1.61
CA PHE A 198 2.49 -11.62 -1.29
C PHE A 198 3.41 -12.21 -0.25
N TYR A 199 4.68 -11.78 -0.20
CA TYR A 199 5.47 -12.03 1.01
C TYR A 199 4.81 -11.42 2.24
N PHE A 200 4.25 -10.23 2.11
CA PHE A 200 3.64 -9.60 3.28
C PHE A 200 2.49 -10.44 3.83
N HIS A 201 1.57 -10.87 2.95
CA HIS A 201 0.43 -11.66 3.38
C HIS A 201 0.85 -13.05 3.83
N LEU A 202 1.74 -13.71 3.10
CA LEU A 202 2.27 -14.98 3.60
C LEU A 202 2.77 -14.85 5.05
N GLY A 203 3.74 -13.95 5.32
CA GLY A 203 4.36 -13.87 6.65
C GLY A 203 3.36 -13.48 7.72
N ASP A 204 2.41 -12.62 7.35
CA ASP A 204 1.32 -12.24 8.26
C ASP A 204 0.51 -13.45 8.63
N ALA A 205 -0.02 -14.11 7.61
CA ALA A 205 -0.77 -15.31 7.85
C ALA A 205 -0.02 -16.23 8.77
N MET A 206 1.25 -16.46 8.49
CA MET A 206 1.99 -17.42 9.31
C MET A 206 2.08 -16.91 10.73
N GLN A 207 2.30 -15.63 10.87
CA GLN A 207 2.42 -15.14 12.20
C GLN A 207 1.12 -15.35 12.93
N ARG A 208 -0.02 -15.28 12.23
CA ARG A 208 -1.33 -15.33 12.88
C ARG A 208 -1.74 -16.74 13.25
N VAL A 209 -1.14 -17.74 12.63
CA VAL A 209 -1.22 -19.14 13.04
C VAL A 209 0.02 -19.60 13.82
N GLY A 210 0.89 -18.67 14.26
CA GLY A 210 2.01 -18.93 15.14
C GLY A 210 3.16 -19.71 14.54
N ASN A 211 3.16 -19.91 13.24
CA ASN A 211 4.24 -20.66 12.60
C ASN A 211 5.50 -19.82 12.57
N LYS A 212 6.56 -20.30 13.24
CA LYS A 212 7.79 -19.51 13.33
C LYS A 212 8.43 -19.30 11.97
N GLU A 213 8.11 -20.13 10.97
CA GLU A 213 8.86 -20.09 9.72
C GLU A 213 8.68 -18.77 8.99
N ALA A 214 7.89 -17.84 9.52
CA ALA A 214 7.58 -16.65 8.73
C ALA A 214 8.74 -15.66 8.65
N TYR A 215 9.62 -15.60 9.65
CA TYR A 215 10.76 -14.73 9.52
C TYR A 215 11.67 -15.16 8.38
N LYS A 216 11.62 -16.44 8.02
CA LYS A 216 12.43 -16.91 6.92
C LYS A 216 11.97 -16.23 5.65
N TRP A 217 10.66 -16.03 5.57
CA TRP A 217 10.00 -15.50 4.40
C TRP A 217 10.16 -14.00 4.34
N TYR A 218 10.08 -13.35 5.49
CA TYR A 218 10.45 -11.94 5.53
C TYR A 218 11.89 -11.78 5.08
N GLU A 219 12.80 -12.62 5.60
CA GLU A 219 14.22 -12.52 5.24
C GLU A 219 14.42 -12.70 3.75
N LEU A 220 13.62 -13.57 3.15
CA LEU A 220 13.70 -13.71 1.70
C LEU A 220 13.14 -12.48 1.00
N GLY A 221 11.99 -11.99 1.45
CA GLY A 221 11.49 -10.74 0.90
C GLY A 221 12.56 -9.66 0.95
N HIS A 222 13.27 -9.53 2.03
CA HIS A 222 14.41 -8.60 2.03
C HIS A 222 15.42 -8.93 0.92
N LYS A 223 15.91 -10.13 0.84
CA LYS A 223 16.98 -10.48 -0.11
C LYS A 223 16.42 -10.31 -1.51
N ARG A 224 15.09 -10.25 -1.67
CA ARG A 224 14.48 -9.94 -2.95
C ARG A 224 14.23 -8.45 -3.10
N GLY A 225 14.56 -7.67 -2.09
CA GLY A 225 14.37 -6.25 -2.22
C GLY A 225 13.00 -5.74 -1.84
N HIS A 226 12.13 -6.58 -1.27
CA HIS A 226 10.83 -6.05 -0.91
C HIS A 226 10.82 -5.38 0.46
N PHE A 227 11.69 -5.78 1.38
CA PHE A 227 11.73 -5.24 2.73
C PHE A 227 13.11 -4.67 3.04
N ALA A 228 13.15 -3.50 3.68
CA ALA A 228 14.43 -2.93 4.08
C ALA A 228 15.26 -3.93 4.87
N SER A 229 14.64 -4.65 5.81
CA SER A 229 15.31 -5.76 6.47
C SER A 229 14.28 -6.79 6.92
N VAL A 230 14.74 -7.77 7.70
CA VAL A 230 13.80 -8.82 8.09
C VAL A 230 12.82 -8.27 9.07
N TRP A 231 13.23 -7.24 9.80
CA TRP A 231 12.38 -6.56 10.76
C TRP A 231 11.79 -5.27 10.22
N GLN A 232 12.56 -4.49 9.48
CA GLN A 232 12.12 -3.20 8.96
C GLN A 232 11.36 -3.40 7.65
N ARG A 233 10.03 -3.33 7.71
CA ARG A 233 9.24 -3.75 6.54
C ARG A 233 8.22 -2.70 6.16
N SER A 234 8.42 -1.47 6.59
CA SER A 234 7.57 -0.38 6.14
C SER A 234 7.67 -0.22 4.63
N LEU A 235 6.61 0.32 4.04
CA LEU A 235 6.55 0.51 2.60
C LEU A 235 7.20 1.81 2.12
N TYR A 236 6.71 2.97 2.59
CA TYR A 236 7.11 4.27 2.06
C TYR A 236 8.36 4.73 2.79
N ASN A 237 9.49 4.66 2.11
CA ASN A 237 10.76 4.81 2.80
C ASN A 237 11.58 5.88 2.13
N VAL A 238 12.48 6.43 2.94
CA VAL A 238 13.55 7.31 2.50
C VAL A 238 14.89 6.66 2.84
N ASN A 239 15.77 6.53 1.86
CA ASN A 239 17.02 5.83 2.09
C ASN A 239 17.98 6.66 2.92
N GLY A 240 18.87 5.96 3.64
CA GLY A 240 19.88 6.63 4.42
C GLY A 240 19.38 7.22 5.71
N LEU A 241 18.29 6.70 6.26
CA LEU A 241 17.83 7.12 7.58
C LEU A 241 18.27 6.02 8.54
N LYS A 242 18.93 6.43 9.62
CA LYS A 242 19.41 5.50 10.62
C LYS A 242 18.25 4.59 10.94
N ALA A 243 18.51 3.29 10.93
CA ALA A 243 17.47 2.30 11.13
C ALA A 243 17.83 1.46 12.33
N GLN A 244 17.18 1.70 13.47
CA GLN A 244 17.38 0.89 14.66
C GLN A 244 16.04 0.83 15.39
N PRO A 245 15.75 -0.31 16.01
CA PRO A 245 14.41 -0.51 16.59
C PRO A 245 14.04 0.44 17.75
N TRP A 246 14.90 0.42 18.77
CA TRP A 246 14.77 1.27 19.95
C TRP A 246 15.79 2.40 19.91
N TRP A 247 15.33 3.62 20.28
CA TRP A 247 16.14 4.86 20.37
C TRP A 247 16.07 5.49 21.76
N THR A 248 17.16 6.21 22.15
CA THR A 248 17.09 7.06 23.36
C THR A 248 16.89 8.55 23.06
N PRO A 249 16.40 9.31 24.03
CA PRO A 249 16.18 10.73 23.79
C PRO A 249 17.38 11.38 23.20
N LYS A 250 18.51 11.30 23.89
CA LYS A 250 19.75 11.83 23.35
C LYS A 250 19.94 11.39 21.89
N GLU A 251 19.72 10.10 21.57
CA GLU A 251 20.03 9.65 20.19
C GLU A 251 19.19 10.39 19.17
N THR A 252 17.97 10.78 19.54
CA THR A 252 17.06 11.44 18.62
C THR A 252 17.34 12.94 18.54
N GLY A 253 17.96 13.54 19.57
CA GLY A 253 18.09 14.99 19.61
C GLY A 253 16.87 15.73 20.09
N TYR A 254 15.72 15.08 20.22
CA TYR A 254 14.49 15.79 20.55
C TYR A 254 14.32 15.87 22.06
N THR A 255 15.37 16.23 22.77
CA THR A 255 15.41 16.06 24.22
C THR A 255 14.49 17.04 24.95
N GLU A 256 14.31 18.25 24.38
CA GLU A 256 13.37 19.22 24.97
C GLU A 256 11.96 18.64 24.95
N LEU A 257 11.61 17.94 23.87
CA LEU A 257 10.29 17.33 23.79
C LEU A 257 10.11 16.24 24.83
N VAL A 258 11.05 15.30 24.83
CA VAL A 258 11.02 14.29 25.87
C VAL A 258 10.84 14.95 27.24
N LYS A 259 11.51 16.08 27.49
CA LYS A 259 11.45 16.65 28.83
C LYS A 259 10.09 17.28 29.10
N SER A 260 9.50 17.97 28.11
CA SER A 260 8.18 18.53 28.36
C SER A 260 7.22 17.41 28.69
N LEU A 261 7.28 16.34 27.92
CA LEU A 261 6.41 15.20 28.15
C LEU A 261 6.64 14.58 29.52
N GLU A 262 7.87 14.24 29.86
CA GLU A 262 8.07 13.61 31.16
C GLU A 262 7.67 14.55 32.28
N ARG A 263 7.98 15.84 32.16
CA ARG A 263 7.82 16.75 33.29
C ARG A 263 6.37 17.18 33.53
N ASN A 264 5.57 17.25 32.47
CA ASN A 264 4.15 17.59 32.57
C ASN A 264 3.28 16.38 32.37
N TRP A 265 3.84 15.23 32.72
CA TRP A 265 3.14 14.03 32.39
C TRP A 265 1.84 13.88 33.15
N LYS A 266 1.78 14.30 34.43
CA LYS A 266 0.52 14.09 35.15
C LYS A 266 -0.56 14.96 34.56
N LEU A 267 -0.18 16.07 33.95
CA LEU A 267 -1.14 16.96 33.32
C LEU A 267 -1.69 16.33 32.04
N ILE A 268 -0.81 15.76 31.22
CA ILE A 268 -1.24 14.96 30.06
C ILE A 268 -2.17 13.85 30.50
N ARG A 269 -1.80 13.13 31.55
CA ARG A 269 -2.67 12.05 32.03
C ARG A 269 -4.03 12.59 32.34
N ASP A 270 -4.09 13.64 33.15
CA ASP A 270 -5.37 14.08 33.67
C ASP A 270 -6.35 14.48 32.59
N GLU A 271 -5.85 15.07 31.50
CA GLU A 271 -6.74 15.56 30.47
C GLU A 271 -7.24 14.44 29.60
N GLY A 272 -6.46 13.39 29.44
CA GLY A 272 -6.96 12.18 28.81
C GLY A 272 -7.92 11.45 29.73
N LEU A 273 -7.52 11.26 30.99
CA LEU A 273 -8.41 10.59 31.93
C LEU A 273 -9.74 11.30 31.98
N ALA A 274 -9.72 12.62 31.80
CA ALA A 274 -10.98 13.35 31.86
C ALA A 274 -11.84 13.12 30.63
N VAL A 275 -11.22 13.01 29.46
CA VAL A 275 -12.00 12.60 28.29
C VAL A 275 -12.60 11.19 28.47
N MET A 276 -11.85 10.22 28.99
CA MET A 276 -12.47 8.91 29.25
C MET A 276 -13.73 9.05 30.09
N ASP A 277 -13.72 9.96 31.06
CA ASP A 277 -14.87 10.06 31.95
C ASP A 277 -16.03 10.83 31.31
N LYS A 278 -15.75 12.00 30.77
CA LYS A 278 -16.78 12.93 30.35
C LYS A 278 -17.18 12.80 28.90
N ALA A 279 -16.44 12.04 28.12
CA ALA A 279 -16.82 11.79 26.73
C ALA A 279 -16.12 10.54 26.26
N LYS A 280 -16.45 9.40 26.88
CA LYS A 280 -15.83 8.13 26.51
C LYS A 280 -15.86 7.93 25.01
N GLY A 281 -16.85 8.52 24.34
CA GLY A 281 -17.04 8.33 22.91
C GLY A 281 -15.95 8.88 22.03
N LEU A 282 -15.12 9.83 22.51
CA LEU A 282 -14.05 10.36 21.67
C LEU A 282 -12.84 9.43 21.56
N PHE A 283 -12.81 8.34 22.34
CA PHE A 283 -11.84 7.28 22.11
C PHE A 283 -12.43 6.34 21.06
N LEU A 284 -11.73 6.20 19.93
CA LEU A 284 -12.29 5.29 18.97
C LEU A 284 -11.54 3.97 19.04
N PRO A 285 -12.18 2.85 18.67
CA PRO A 285 -11.47 1.57 18.67
C PRO A 285 -10.33 1.60 17.65
N GLU A 286 -9.23 0.92 17.97
CA GLU A 286 -8.11 0.87 17.03
C GLU A 286 -8.38 -0.16 15.94
N ASP A 287 -7.34 -0.45 15.14
CA ASP A 287 -7.42 -1.30 13.96
C ASP A 287 -7.99 -2.63 14.33
N GLU A 288 -9.20 -2.95 13.88
CA GLU A 288 -9.76 -4.25 14.19
C GLU A 288 -8.88 -5.35 13.63
N ASN A 289 -8.09 -5.04 12.61
CA ASN A 289 -7.24 -6.00 11.93
C ASN A 289 -6.04 -6.37 12.74
N LEU A 290 -5.45 -5.42 13.42
CA LEU A 290 -4.36 -5.61 14.34
C LEU A 290 -4.81 -6.01 15.73
N ARG A 291 -6.09 -6.02 16.02
CA ARG A 291 -6.56 -6.41 17.33
C ARG A 291 -6.95 -7.88 17.26
N GLU A 292 -6.09 -8.78 17.74
CA GLU A 292 -6.48 -10.17 17.88
C GLU A 292 -7.67 -10.32 18.81
N LYS A 293 -7.54 -9.74 20.01
CA LYS A 293 -8.54 -9.81 21.05
C LYS A 293 -8.36 -8.66 22.03
N GLY A 294 -9.43 -8.37 22.76
CA GLY A 294 -9.42 -7.35 23.79
C GLY A 294 -10.06 -6.03 23.38
N ASP A 295 -9.67 -4.99 24.10
CA ASP A 295 -10.29 -3.68 24.00
C ASP A 295 -9.17 -2.69 23.94
N TRP A 296 -9.10 -1.96 22.84
CA TRP A 296 -7.97 -1.12 22.47
C TRP A 296 -8.52 0.11 21.75
N SER A 297 -8.17 1.31 22.25
CA SER A 297 -8.86 2.49 21.75
C SER A 297 -7.93 3.68 21.74
N GLN A 298 -8.23 4.67 20.92
CA GLN A 298 -7.31 5.80 20.80
C GLN A 298 -8.10 7.09 20.68
N PHE A 299 -7.47 8.20 21.04
CA PHE A 299 -8.09 9.53 21.08
C PHE A 299 -7.06 10.42 20.45
N THR A 300 -7.30 10.85 19.20
CA THR A 300 -6.28 11.53 18.41
C THR A 300 -6.43 13.03 18.55
N LEU A 301 -5.29 13.72 18.76
CA LEU A 301 -5.16 15.18 18.81
C LEU A 301 -4.61 15.77 17.51
N TRP A 302 -3.56 15.17 16.93
CA TRP A 302 -2.99 15.59 15.67
C TRP A 302 -2.89 14.36 14.80
N GLN A 303 -3.29 14.48 13.55
CA GLN A 303 -3.16 13.38 12.59
C GLN A 303 -2.44 14.01 11.41
N GLN A 304 -1.27 13.48 11.09
CA GLN A 304 -0.59 13.89 9.86
C GLN A 304 -0.45 15.40 9.80
N GLY A 305 0.09 15.94 10.90
CA GLY A 305 0.30 17.34 11.07
C GLY A 305 -0.93 18.20 10.98
N ARG A 306 -2.16 17.65 11.14
CA ARG A 306 -3.36 18.48 11.29
C ARG A 306 -4.01 18.32 12.67
N ARG A 307 -4.03 19.41 13.43
CA ARG A 307 -4.69 19.40 14.72
C ARG A 307 -6.17 19.21 14.53
N ASN A 308 -6.70 18.11 15.09
CA ASN A 308 -8.14 17.98 15.26
C ASN A 308 -8.57 19.07 16.23
N GLU A 309 -9.23 20.13 15.72
N GLU A 309 -9.24 20.12 15.72
CA GLU A 309 -9.63 21.23 16.60
CA GLU A 309 -9.65 21.24 16.57
C GLU A 309 -10.63 20.76 17.65
C GLU A 309 -10.65 20.78 17.63
N ASN A 310 -11.55 19.87 17.28
CA ASN A 310 -12.52 19.39 18.26
C ASN A 310 -11.82 18.69 19.42
N ALA A 311 -10.69 18.01 19.15
CA ALA A 311 -9.95 17.26 20.16
C ALA A 311 -9.12 18.16 21.07
N CYS A 312 -8.60 19.25 20.56
CA CYS A 312 -7.85 20.10 21.46
C CYS A 312 -8.76 20.88 22.40
N LYS A 313 -10.02 21.07 22.03
CA LYS A 313 -10.96 21.58 23.02
C LYS A 313 -11.04 20.66 24.23
N GLY A 314 -10.97 19.35 23.98
CA GLY A 314 -11.16 18.38 25.05
C GLY A 314 -9.93 18.26 25.93
N ALA A 315 -8.73 18.24 25.33
CA ALA A 315 -7.51 18.31 26.14
C ALA A 315 -6.67 19.56 25.86
N PRO A 316 -7.13 20.71 26.35
CA PRO A 316 -6.52 21.98 25.94
C PRO A 316 -5.06 22.27 26.36
N LYS A 317 -4.71 22.21 27.66
CA LYS A 317 -3.32 22.47 28.04
C LYS A 317 -2.35 21.57 27.28
N THR A 318 -2.72 20.30 27.12
CA THR A 318 -1.87 19.32 26.44
C THR A 318 -1.65 19.75 25.00
N CYS A 319 -2.71 20.15 24.31
CA CYS A 319 -2.45 20.63 22.98
C CYS A 319 -1.53 21.83 23.03
N THR A 320 -1.76 22.73 24.00
CA THR A 320 -0.91 23.90 24.15
C THR A 320 0.53 23.51 24.35
N LEU A 321 0.75 22.42 25.06
CA LEU A 321 2.11 22.01 25.29
C LEU A 321 2.76 21.64 23.99
N LEU A 322 2.08 20.82 23.19
CA LEU A 322 2.70 20.32 21.96
C LEU A 322 2.91 21.40 20.91
N GLU A 323 2.15 22.50 20.97
CA GLU A 323 2.31 23.56 19.98
C GLU A 323 3.76 24.03 19.93
N LYS A 324 4.45 24.03 21.11
CA LYS A 324 5.84 24.41 21.13
C LYS A 324 6.69 23.41 20.42
N PHE A 325 6.28 22.33 19.72
CA PHE A 325 7.22 21.33 19.22
C PHE A 325 6.84 20.80 17.88
N PRO A 326 7.18 21.52 16.82
CA PRO A 326 6.65 21.15 15.50
C PRO A 326 7.32 19.93 14.90
N GLU A 327 8.40 19.41 15.50
CA GLU A 327 8.98 18.14 15.06
C GLU A 327 7.96 17.02 15.21
N THR A 328 6.93 17.24 16.03
CA THR A 328 5.82 16.31 16.18
C THR A 328 4.53 16.84 15.58
N THR A 329 4.13 18.06 15.94
CA THR A 329 2.83 18.52 15.47
C THR A 329 2.86 18.72 13.96
N GLY A 330 4.01 19.12 13.41
CA GLY A 330 4.28 19.17 12.00
C GLY A 330 4.72 17.85 11.37
N CYS A 331 4.63 16.70 12.05
CA CYS A 331 5.04 15.46 11.42
C CYS A 331 3.90 15.05 10.50
N ARG A 332 4.02 15.35 9.20
CA ARG A 332 2.99 14.93 8.27
C ARG A 332 2.91 13.40 8.15
N ARG A 333 3.87 12.65 8.67
CA ARG A 333 3.80 11.21 8.49
C ARG A 333 3.54 10.53 9.83
N GLY A 334 3.04 11.29 10.81
CA GLY A 334 2.75 10.77 12.13
C GLY A 334 1.40 11.23 12.67
N GLN A 335 1.11 10.78 13.90
CA GLN A 335 -0.03 11.21 14.68
C GLN A 335 0.39 11.58 16.11
N ILE A 336 -0.51 12.19 16.88
CA ILE A 336 -0.33 12.37 18.31
C ILE A 336 -1.63 11.94 18.95
N LYS A 337 -1.57 10.92 19.79
CA LYS A 337 -2.82 10.34 20.25
C LYS A 337 -2.62 9.68 21.59
N TYR A 338 -3.69 9.67 22.38
CA TYR A 338 -3.84 8.83 23.55
C TYR A 338 -4.25 7.43 23.13
N SER A 339 -3.73 6.41 23.82
CA SER A 339 -4.04 5.03 23.52
C SER A 339 -4.23 4.19 24.79
N ILE A 340 -5.41 3.63 24.92
CA ILE A 340 -5.80 2.83 26.07
C ILE A 340 -6.01 1.38 25.62
N MET A 341 -5.39 0.48 26.35
CA MET A 341 -5.43 -0.93 26.10
C MET A 341 -5.96 -1.48 27.41
N HIS A 342 -6.87 -2.45 27.37
CA HIS A 342 -7.45 -3.04 28.57
C HIS A 342 -6.99 -4.48 28.68
N PRO A 343 -7.14 -5.04 29.87
CA PRO A 343 -6.71 -6.41 30.05
C PRO A 343 -7.19 -7.32 28.94
N GLY A 344 -6.39 -8.36 28.68
CA GLY A 344 -6.73 -9.35 27.70
C GLY A 344 -6.68 -8.81 26.30
N THR A 345 -5.73 -7.94 26.02
CA THR A 345 -5.58 -7.43 24.67
C THR A 345 -4.28 -7.94 24.07
N HIS A 346 -4.32 -8.30 22.80
CA HIS A 346 -3.11 -8.72 22.11
C HIS A 346 -3.14 -8.09 20.74
N VAL A 347 -2.07 -7.38 20.40
CA VAL A 347 -1.91 -6.67 19.15
C VAL A 347 -0.99 -7.50 18.27
N TRP A 348 -1.50 -7.92 17.16
CA TRP A 348 -0.68 -8.68 16.25
C TRP A 348 0.65 -8.05 15.85
N PRO A 349 1.72 -8.81 15.59
CA PRO A 349 2.94 -8.17 15.06
C PRO A 349 2.62 -7.41 13.78
N HIS A 350 3.28 -6.27 13.58
CA HIS A 350 2.97 -5.38 12.49
C HIS A 350 3.98 -4.24 12.53
N THR A 351 4.05 -3.50 11.45
CA THR A 351 4.99 -2.41 11.39
C THR A 351 4.20 -1.21 10.90
N GLY A 352 4.75 -0.02 11.06
CA GLY A 352 4.06 1.13 10.56
C GLY A 352 4.30 1.29 9.08
N PRO A 353 3.72 2.33 8.49
CA PRO A 353 3.89 2.54 7.03
C PRO A 353 5.19 3.23 6.56
N THR A 354 5.94 3.89 7.43
CA THR A 354 7.05 4.69 6.94
C THR A 354 8.17 4.56 7.93
N ASN A 355 9.41 4.75 7.42
CA ASN A 355 10.63 4.91 8.24
C ASN A 355 10.95 6.41 8.53
N CYS A 356 10.03 7.33 8.18
CA CYS A 356 10.21 8.77 8.24
C CYS A 356 9.71 9.38 9.54
N ARG A 357 9.41 8.53 10.53
CA ARG A 357 8.98 8.97 11.84
C ARG A 357 9.59 8.05 12.89
N LEU A 358 9.75 8.61 14.08
CA LEU A 358 9.97 7.82 15.25
C LEU A 358 8.72 7.95 16.12
N ARG A 359 8.40 6.88 16.83
CA ARG A 359 7.26 6.82 17.73
C ARG A 359 7.76 6.85 19.17
N MET A 360 7.36 7.90 19.90
CA MET A 360 7.50 8.03 21.34
C MET A 360 6.20 7.62 22.05
N HIS A 361 6.34 6.93 23.21
CA HIS A 361 5.23 6.50 24.08
C HIS A 361 5.48 7.06 25.47
N LEU A 362 4.64 7.97 25.92
CA LEU A 362 4.65 8.42 27.30
C LEU A 362 3.66 7.58 28.11
N GLY A 363 4.18 6.95 29.16
CA GLY A 363 3.33 6.23 30.08
C GLY A 363 2.54 7.20 30.95
N LEU A 364 1.27 6.93 31.07
CA LEU A 364 0.38 7.75 31.87
C LEU A 364 -0.24 6.93 32.99
N VAL A 365 -0.75 5.75 32.68
CA VAL A 365 -1.34 4.89 33.67
C VAL A 365 -0.88 3.50 33.29
N ILE A 366 0.04 2.94 34.09
CA ILE A 366 0.67 1.69 33.72
C ILE A 366 0.55 0.68 34.84
N PRO A 367 -0.26 -0.35 34.69
CA PRO A 367 -0.34 -1.39 35.73
C PRO A 367 1.01 -2.00 36.10
N LYS A 368 1.12 -2.40 37.37
CA LYS A 368 2.42 -2.77 37.91
C LYS A 368 2.88 -4.12 37.38
N GLU A 369 2.07 -4.80 36.58
CA GLU A 369 2.54 -6.03 35.95
C GLU A 369 1.63 -6.38 34.81
N GLY A 370 2.24 -6.91 33.74
CA GLY A 370 1.51 -7.55 32.68
C GLY A 370 1.40 -6.80 31.39
N CYS A 371 1.97 -5.61 31.25
CA CYS A 371 1.91 -4.86 29.99
C CYS A 371 3.31 -4.78 29.43
N LYS A 372 3.51 -5.26 28.19
CA LYS A 372 4.83 -5.25 27.59
C LYS A 372 4.64 -4.97 26.11
N ILE A 373 5.72 -4.47 25.52
CA ILE A 373 5.80 -4.16 24.09
C ILE A 373 7.14 -4.65 23.55
N ARG A 374 7.07 -5.34 22.43
CA ARG A 374 8.25 -5.85 21.75
C ARG A 374 8.42 -5.05 20.47
N CYS A 375 9.64 -4.63 20.20
CA CYS A 375 9.98 -4.08 18.90
C CYS A 375 11.20 -4.85 18.46
N ALA A 376 11.14 -5.42 17.27
CA ALA A 376 12.14 -6.41 16.80
C ALA A 376 12.44 -7.42 17.88
N ASN A 377 13.68 -7.58 18.31
CA ASN A 377 13.98 -8.65 19.24
C ASN A 377 13.97 -8.20 20.69
N GLU A 378 13.64 -6.95 20.95
CA GLU A 378 13.68 -6.43 22.31
C GLU A 378 12.28 -6.11 22.78
N THR A 379 11.97 -6.63 23.95
CA THR A 379 10.69 -6.42 24.59
C THR A 379 10.91 -5.52 25.80
N LYS A 380 10.01 -4.58 26.03
CA LYS A 380 10.20 -3.60 27.08
C LYS A 380 8.84 -3.29 27.70
N THR A 381 8.84 -2.47 28.76
N THR A 381 8.83 -2.51 28.79
CA THR A 381 7.61 -2.05 29.41
CA THR A 381 7.58 -2.04 29.38
C THR A 381 7.63 -0.54 29.69
C THR A 381 7.62 -0.54 29.66
N TRP A 382 6.44 0.04 29.85
CA TRP A 382 6.33 1.48 30.09
C TRP A 382 6.50 1.80 31.57
N GLU A 383 6.91 3.05 31.86
CA GLU A 383 6.86 3.62 33.20
C GLU A 383 5.99 4.87 33.20
N GLU A 384 5.18 5.01 34.25
CA GLU A 384 4.29 6.16 34.32
C GLU A 384 5.22 7.36 34.35
N GLY A 385 5.07 8.27 33.39
CA GLY A 385 5.83 9.49 33.42
C GLY A 385 7.16 9.45 32.68
N LYS A 386 7.52 8.33 32.10
CA LYS A 386 8.78 8.17 31.39
C LYS A 386 8.41 7.80 29.96
N VAL A 387 9.37 7.91 29.05
CA VAL A 387 9.10 7.86 27.61
C VAL A 387 9.97 6.78 27.01
N LEU A 388 9.39 5.95 26.12
CA LEU A 388 10.00 4.95 25.26
C LEU A 388 10.01 5.50 23.85
N ILE A 389 11.04 5.17 23.06
CA ILE A 389 11.09 5.61 21.68
C ILE A 389 11.52 4.43 20.82
N PHE A 390 10.66 4.09 19.84
CA PHE A 390 11.04 3.11 18.82
C PHE A 390 10.63 3.52 17.41
N ASP A 391 11.28 2.85 16.46
CA ASP A 391 11.03 3.03 15.04
C ASP A 391 9.96 2.00 14.73
N ASP A 392 8.71 2.45 14.63
CA ASP A 392 7.59 1.56 14.45
C ASP A 392 7.51 1.01 13.03
N SER A 393 8.48 1.38 12.17
CA SER A 393 8.73 0.67 10.91
C SER A 393 9.42 -0.67 11.11
N PHE A 394 9.97 -0.95 12.30
CA PHE A 394 10.32 -2.30 12.75
C PHE A 394 9.10 -2.97 13.36
N GLU A 395 8.96 -4.25 13.06
CA GLU A 395 7.89 -5.07 13.59
C GLU A 395 7.83 -4.92 15.08
N HIS A 396 6.63 -4.66 15.57
CA HIS A 396 6.38 -4.47 16.99
C HIS A 396 5.08 -5.18 17.31
N GLU A 397 4.90 -5.50 18.58
CA GLU A 397 3.84 -6.39 19.01
C GLU A 397 3.51 -6.03 20.46
N VAL A 398 2.27 -6.24 20.91
CA VAL A 398 1.89 -5.68 22.21
C VAL A 398 0.88 -6.56 22.93
N TRP A 399 1.02 -6.59 24.26
CA TRP A 399 0.28 -7.48 25.15
C TRP A 399 -0.16 -6.66 26.36
N GLN A 400 -1.36 -7.00 26.86
CA GLN A 400 -1.98 -6.37 28.02
C GLN A 400 -2.65 -7.49 28.82
N ASP A 401 -1.89 -8.10 29.73
CA ASP A 401 -2.36 -9.25 30.52
C ASP A 401 -2.39 -8.83 31.98
N ALA A 402 -2.65 -7.55 32.22
CA ALA A 402 -2.70 -6.99 33.55
C ALA A 402 -4.12 -7.09 34.09
N SER A 403 -4.39 -6.39 35.20
CA SER A 403 -5.67 -6.49 35.88
C SER A 403 -6.44 -5.18 35.85
N SER A 404 -5.96 -4.17 35.11
CA SER A 404 -6.57 -2.84 35.04
C SER A 404 -6.07 -2.17 33.76
N PHE A 405 -6.60 -0.98 33.45
CA PHE A 405 -6.39 -0.37 32.15
C PHE A 405 -5.02 0.25 32.14
N ARG A 406 -4.40 0.27 30.95
CA ARG A 406 -3.16 0.93 30.64
C ARG A 406 -3.43 2.06 29.66
N LEU A 407 -3.00 3.27 30.03
CA LEU A 407 -3.14 4.46 29.21
C LEU A 407 -1.75 4.93 28.85
N ILE A 408 -1.47 5.16 27.55
CA ILE A 408 -0.26 5.85 27.18
C ILE A 408 -0.57 7.05 26.28
N PHE A 409 0.46 7.82 25.99
CA PHE A 409 0.32 8.98 25.16
C PHE A 409 1.36 8.75 24.08
N ILE A 410 0.95 8.69 22.82
CA ILE A 410 1.83 8.44 21.68
C ILE A 410 2.13 9.75 20.92
N VAL A 411 3.39 9.96 20.54
CA VAL A 411 3.87 11.21 19.98
C VAL A 411 4.84 10.87 18.85
N ASP A 412 4.43 11.07 17.59
CA ASP A 412 5.33 10.82 16.48
C ASP A 412 6.18 12.05 16.17
N VAL A 413 7.47 11.84 15.93
CA VAL A 413 8.37 12.90 15.47
C VAL A 413 8.93 12.48 14.11
N TRP A 414 9.26 13.48 13.29
CA TRP A 414 10.05 13.22 12.11
C TRP A 414 11.29 12.43 12.47
N HIS A 415 11.69 11.52 11.57
CA HIS A 415 12.96 10.87 11.80
C HIS A 415 14.09 11.91 11.83
N PRO A 416 14.92 11.93 12.87
CA PRO A 416 15.76 13.12 13.14
C PRO A 416 16.70 13.50 12.01
N GLU A 417 17.07 12.54 11.16
CA GLU A 417 18.03 12.75 10.07
C GLU A 417 17.38 13.29 8.80
N LEU A 418 16.07 13.35 8.72
CA LEU A 418 15.41 14.00 7.60
C LEU A 418 15.73 15.49 7.61
N THR A 419 16.09 16.06 6.47
CA THR A 419 16.42 17.48 6.49
C THR A 419 15.17 18.34 6.47
N PRO A 420 15.26 19.61 6.90
CA PRO A 420 14.15 20.56 6.65
C PRO A 420 13.49 20.51 5.27
N GLN A 421 14.25 20.60 4.17
CA GLN A 421 13.60 20.55 2.87
C GLN A 421 12.86 19.22 2.72
N GLN A 422 13.39 18.13 3.34
CA GLN A 422 12.72 16.84 3.20
C GLN A 422 11.41 16.84 3.95
N ARG A 423 11.42 17.37 5.18
CA ARG A 423 10.21 17.44 6.00
C ARG A 423 9.11 18.22 5.27
N ARG A 424 9.50 19.35 4.64
CA ARG A 424 8.55 20.18 3.89
C ARG A 424 7.98 19.44 2.68
N SER A 425 8.81 18.66 1.99
CA SER A 425 8.44 18.14 0.70
C SER A 425 7.71 16.79 0.76
N LEU A 426 7.89 16.01 1.80
CA LEU A 426 7.31 14.68 1.83
C LEU A 426 5.78 14.72 1.93
N PRO A 427 5.06 13.98 1.08
CA PRO A 427 3.61 13.83 1.25
C PRO A 427 3.24 12.89 2.40
N ALA A 428 2.07 13.15 3.01
CA ALA A 428 1.64 12.37 4.18
C ALA A 428 0.77 11.13 3.87
#